data_6EGY
#
_entry.id   6EGY
#
_cell.length_a   149.300
_cell.length_b   149.300
_cell.length_c   149.300
_cell.angle_alpha   90.000
_cell.angle_beta   90.000
_cell.angle_gamma   90.000
#
_symmetry.space_group_name_H-M   'I 41 3 2'
#
loop_
_entity.id
_entity.type
_entity.pdbx_description
1 polymer 'Cytochrome c iso-1'
2 non-polymer 'HEME C'
3 non-polymer 'SULFATE ION'
4 non-polymer 'mono-PEGylated sulfonatocalix[4]arene'
5 water water
#
_entity_poly.entity_id   1
_entity_poly.type   'polypeptide(L)'
_entity_poly.pdbx_seq_one_letter_code
;AEFKAGSAKKGATLFKTRCLQCHTVEKGGPHKVGPNLHGIFGRHSGQAEGYSYTDANIKKNVLWDENNMSEYLTNPKKYI
PGTKMAFGGLKKEKDRNDLITYLKKATE
;
_entity_poly.pdbx_strand_id   A,B
#
# COMPACT_ATOMS: atom_id res chain seq x y z
N ALA A 1 -10.32 -20.07 14.65
CA ALA A 1 -9.77 -18.81 15.25
C ALA A 1 -10.84 -18.02 15.99
N GLU A 2 -10.40 -17.19 16.94
CA GLU A 2 -11.27 -16.31 17.72
C GLU A 2 -10.80 -14.88 17.57
N PHE A 3 -11.50 -14.12 16.74
CA PHE A 3 -11.18 -12.71 16.49
C PHE A 3 -11.52 -11.84 17.70
N LYS A 4 -10.53 -11.09 18.17
CA LYS A 4 -10.72 -10.01 19.12
C LYS A 4 -10.51 -8.69 18.36
N ALA A 5 -11.29 -7.67 18.68
CA ALA A 5 -11.11 -6.35 18.08
C ALA A 5 -9.74 -5.76 18.49
N GLY A 6 -9.10 -5.06 17.56
CA GLY A 6 -7.77 -4.48 17.78
C GLY A 6 -7.66 -3.03 17.33
N SER A 7 -6.47 -2.63 16.89
CA SER A 7 -6.22 -1.30 16.38
C SER A 7 -6.37 -1.26 14.85
N ALA A 8 -7.35 -0.50 14.37
CA ALA A 8 -7.51 -0.25 12.93
C ALA A 8 -6.34 0.52 12.34
N LYS A 9 -5.71 1.38 13.16
CA LYS A 9 -4.58 2.22 12.71
C LYS A 9 -3.36 1.34 12.35
N LYS A 10 -3.04 0.38 13.22
CA LYS A 10 -1.98 -0.59 12.94
C LYS A 10 -2.36 -1.56 11.85
N GLY A 11 -3.64 -1.93 11.80
CA GLY A 11 -4.19 -2.77 10.73
C GLY A 11 -4.08 -2.16 9.35
N ALA A 12 -4.17 -0.84 9.26
CA ALA A 12 -3.97 -0.14 7.99
C ALA A 12 -2.51 -0.18 7.56
N THR A 13 -1.60 0.01 8.51
CA THR A 13 -0.14 -0.09 8.23
C THR A 13 0.23 -1.53 7.87
N LEU A 14 -0.36 -2.49 8.57
CA LEU A 14 -0.21 -3.91 8.20
C LEU A 14 -0.72 -4.17 6.79
N PHE A 15 -1.91 -3.66 6.48
CA PHE A 15 -2.48 -3.85 5.15
C PHE A 15 -1.58 -3.24 4.09
N LYS A 16 -1.23 -1.98 4.28
CA LYS A 16 -0.44 -1.23 3.30
C LYS A 16 0.98 -1.78 3.08
N THR A 17 1.57 -2.37 4.11
CA THR A 17 2.89 -3.00 4.01
C THR A 17 2.84 -4.40 3.38
N ARG A 18 1.84 -5.19 3.76
CA ARG A 18 1.79 -6.63 3.42
C ARG A 18 0.77 -7.07 2.36
N CYS A 19 -0.28 -6.26 2.13
CA CYS A 19 -1.37 -6.60 1.20
C CYS A 19 -1.51 -5.67 -0.01
N LEU A 20 -1.23 -4.39 0.14
CA LEU A 20 -1.52 -3.39 -0.89
C LEU A 20 -0.89 -3.67 -2.26
N GLN A 21 0.27 -4.31 -2.28
CA GLN A 21 0.91 -4.64 -3.56
C GLN A 21 0.05 -5.56 -4.46
N CYS A 22 -0.76 -6.42 -3.84
CA CYS A 22 -1.69 -7.30 -4.57
C CYS A 22 -3.19 -6.90 -4.52
N HIS A 23 -3.61 -6.10 -3.54
CA HIS A 23 -5.03 -5.80 -3.29
C HIS A 23 -5.36 -4.31 -3.10
N THR A 24 -6.60 -3.95 -3.41
CA THR A 24 -7.19 -2.67 -3.00
C THR A 24 -8.46 -2.97 -2.19
N VAL A 25 -8.92 -2.00 -1.42
CA VAL A 25 -10.10 -2.17 -0.53
C VAL A 25 -11.26 -1.20 -0.75
N GLU A 26 -10.95 0.01 -1.25
CA GLU A 26 -11.96 1.00 -1.59
C GLU A 26 -13.03 0.45 -2.55
N LYS A 27 -14.25 0.98 -2.49
CA LYS A 27 -15.31 0.58 -3.41
C LYS A 27 -14.97 1.05 -4.82
N GLY A 28 -14.88 0.12 -5.75
CA GLY A 28 -14.54 0.42 -7.13
C GLY A 28 -13.05 0.54 -7.40
N GLY A 29 -12.22 0.19 -6.41
CA GLY A 29 -10.78 0.14 -6.61
C GLY A 29 -10.43 -0.99 -7.55
N PRO A 30 -9.30 -0.86 -8.26
CA PRO A 30 -8.99 -1.84 -9.30
C PRO A 30 -8.62 -3.21 -8.77
N HIS A 31 -8.93 -4.25 -9.56
CA HIS A 31 -8.31 -5.56 -9.40
C HIS A 31 -6.82 -5.42 -9.76
N LYS A 32 -5.95 -6.06 -8.99
CA LYS A 32 -4.52 -6.08 -9.28
C LYS A 32 -4.12 -7.56 -9.43
N VAL A 33 -3.05 -8.01 -8.77
CA VAL A 33 -2.68 -9.43 -8.78
C VAL A 33 -3.80 -10.21 -8.13
N GLY A 34 -4.27 -9.72 -6.98
CA GLY A 34 -5.46 -10.22 -6.30
C GLY A 34 -6.67 -9.33 -6.58
N PRO A 35 -7.86 -9.77 -6.15
CA PRO A 35 -9.06 -8.98 -6.36
C PRO A 35 -9.20 -7.84 -5.36
N ASN A 36 -9.95 -6.81 -5.74
CA ASN A 36 -10.47 -5.81 -4.82
C ASN A 36 -11.25 -6.52 -3.70
N LEU A 37 -11.12 -6.01 -2.48
CA LEU A 37 -11.66 -6.66 -1.29
C LEU A 37 -12.91 -5.99 -0.71
N HIS A 38 -13.49 -5.03 -1.42
CA HIS A 38 -14.68 -4.34 -0.92
C HIS A 38 -15.85 -5.32 -0.78
N GLY A 39 -16.59 -5.21 0.32
CA GLY A 39 -17.68 -6.14 0.63
C GLY A 39 -17.29 -7.61 0.76
N ILE A 40 -16.04 -7.88 1.11
CA ILE A 40 -15.53 -9.26 1.24
C ILE A 40 -16.28 -10.03 2.33
N PHE A 41 -16.59 -9.36 3.43
CA PHE A 41 -17.32 -10.00 4.52
C PHE A 41 -18.79 -10.18 4.16
N GLY A 42 -19.31 -11.36 4.46
CA GLY A 42 -20.67 -11.73 4.05
C GLY A 42 -20.79 -12.03 2.56
N ARG A 43 -19.67 -12.42 1.95
CA ARG A 43 -19.64 -12.86 0.56
C ARG A 43 -18.85 -14.16 0.53
N HIS A 44 -19.30 -15.09 -0.30
CA HIS A 44 -18.57 -16.33 -0.53
C HIS A 44 -17.29 -16.06 -1.33
N SER A 45 -16.26 -16.86 -1.10
CA SER A 45 -15.00 -16.74 -1.82
C SER A 45 -15.20 -17.03 -3.30
N GLY A 46 -14.43 -16.34 -4.13
CA GLY A 46 -14.46 -16.57 -5.57
C GLY A 46 -15.61 -15.92 -6.32
N GLN A 47 -16.25 -14.91 -5.73
CA GLN A 47 -17.47 -14.32 -6.29
C GLN A 47 -17.37 -12.84 -6.68
N ALA A 48 -16.22 -12.21 -6.49
CA ALA A 48 -16.02 -10.82 -6.94
C ALA A 48 -15.94 -10.78 -8.45
N GLU A 49 -16.76 -9.94 -9.08
CA GLU A 49 -16.86 -9.89 -10.53
C GLU A 49 -15.61 -9.29 -11.17
N GLY A 50 -15.24 -9.81 -12.33
CA GLY A 50 -14.09 -9.31 -13.10
C GLY A 50 -12.75 -9.98 -12.82
N TYR A 51 -12.65 -10.77 -11.75
CA TYR A 51 -11.41 -11.43 -11.37
C TYR A 51 -11.49 -12.92 -11.63
N SER A 52 -10.47 -13.49 -12.28
CA SER A 52 -10.42 -14.93 -12.53
C SER A 52 -9.66 -15.62 -11.39
N TYR A 53 -10.43 -16.27 -10.53
CA TYR A 53 -9.93 -17.03 -9.41
C TYR A 53 -9.44 -18.39 -9.83
N THR A 54 -8.75 -19.06 -8.92
CA THR A 54 -8.44 -20.48 -9.06
C THR A 54 -9.71 -21.27 -8.79
N ASP A 55 -9.81 -22.45 -9.39
CA ASP A 55 -10.85 -23.41 -9.03
C ASP A 55 -10.88 -23.63 -7.52
N ALA A 56 -9.69 -23.80 -6.93
CA ALA A 56 -9.52 -24.00 -5.48
C ALA A 56 -10.30 -22.99 -4.64
N ASN A 57 -10.10 -21.72 -4.94
CA ASN A 57 -10.76 -20.62 -4.21
C ASN A 57 -12.27 -20.64 -4.41
N ILE A 58 -12.73 -20.92 -5.63
CA ILE A 58 -14.17 -21.00 -5.94
C ILE A 58 -14.80 -22.18 -5.18
N LYS A 59 -14.20 -23.37 -5.29
CA LYS A 59 -14.76 -24.59 -4.70
C LYS A 59 -14.73 -24.55 -3.18
N LYS A 60 -13.78 -23.83 -2.60
CA LYS A 60 -13.77 -23.62 -1.15
C LYS A 60 -15.09 -23.01 -0.68
N ASN A 61 -15.61 -22.06 -1.46
CA ASN A 61 -16.97 -21.55 -1.31
C ASN A 61 -17.24 -21.16 0.14
N VAL A 62 -16.32 -20.36 0.69
CA VAL A 62 -16.37 -19.98 2.10
C VAL A 62 -16.96 -18.60 2.23
N LEU A 63 -18.00 -18.50 3.05
CA LEU A 63 -18.61 -17.23 3.43
C LEU A 63 -17.68 -16.51 4.43
N TRP A 64 -16.98 -15.48 3.97
CA TRP A 64 -15.97 -14.81 4.78
C TRP A 64 -16.58 -14.05 5.98
N ASP A 65 -16.00 -14.31 7.15
CA ASP A 65 -16.29 -13.56 8.37
C ASP A 65 -14.96 -13.31 9.09
N GLU A 66 -15.02 -12.61 10.21
CA GLU A 66 -13.84 -12.31 11.03
C GLU A 66 -12.96 -13.53 11.33
N ASN A 67 -13.60 -14.64 11.69
CA ASN A 67 -12.89 -15.80 12.24
C ASN A 67 -12.19 -16.64 11.18
N ASN A 68 -12.94 -17.08 10.16
CA ASN A 68 -12.33 -17.87 9.08
C ASN A 68 -11.29 -17.05 8.29
N MET A 69 -11.46 -15.73 8.25
CA MET A 69 -10.45 -14.83 7.70
C MET A 69 -9.17 -14.89 8.51
N SER A 70 -9.28 -14.87 9.84
CA SER A 70 -8.11 -15.02 10.71
C SER A 70 -7.36 -16.33 10.45
N GLU A 71 -8.09 -17.44 10.31
CA GLU A 71 -7.48 -18.74 9.97
C GLU A 71 -6.79 -18.70 8.60
N TYR A 72 -7.49 -18.13 7.61
CA TYR A 72 -6.98 -17.99 6.25
C TYR A 72 -5.65 -17.22 6.20
N LEU A 73 -5.59 -16.07 6.86
CA LEU A 73 -4.39 -15.23 6.82
C LEU A 73 -3.21 -15.79 7.63
N THR A 74 -3.48 -16.72 8.55
CA THR A 74 -2.41 -17.41 9.28
C THR A 74 -1.53 -18.22 8.33
N ASN A 75 -2.16 -18.87 7.35
CA ASN A 75 -1.48 -19.73 6.39
C ASN A 75 -2.46 -20.01 5.26
N PRO A 76 -2.54 -19.11 4.25
CA PRO A 76 -3.53 -19.19 3.17
C PRO A 76 -3.57 -20.53 2.42
N LYS A 77 -2.41 -21.03 2.00
CA LYS A 77 -2.32 -22.29 1.26
C LYS A 77 -2.83 -23.48 2.04
N LYS A 78 -2.67 -23.45 3.36
CA LYS A 78 -3.19 -24.51 4.22
C LYS A 78 -4.71 -24.52 4.30
N TYR A 79 -5.32 -23.33 4.32
CA TYR A 79 -6.79 -23.23 4.37
C TYR A 79 -7.41 -23.52 3.01
N ILE A 80 -6.76 -23.02 1.95
CA ILE A 80 -7.22 -23.22 0.58
C ILE A 80 -6.04 -23.79 -0.22
N PRO A 81 -5.85 -25.12 -0.17
CA PRO A 81 -4.84 -25.74 -1.04
C PRO A 81 -5.15 -25.47 -2.50
N GLY A 82 -4.14 -25.00 -3.25
CA GLY A 82 -4.31 -24.66 -4.66
C GLY A 82 -4.37 -23.18 -4.95
N THR A 83 -4.62 -22.36 -3.93
CA THR A 83 -4.69 -20.92 -4.13
C THR A 83 -3.39 -20.36 -4.70
N LYS A 84 -3.54 -19.42 -5.62
CA LYS A 84 -2.40 -18.72 -6.22
C LYS A 84 -2.03 -17.44 -5.46
N MET A 85 -2.61 -17.24 -4.28
CA MET A 85 -2.19 -16.16 -3.38
C MET A 85 -0.86 -16.55 -2.71
N ALA A 86 0.25 -16.04 -3.25
CA ALA A 86 1.57 -16.33 -2.69
C ALA A 86 1.85 -15.38 -1.52
N PHE A 87 1.32 -15.73 -0.37
CA PHE A 87 1.51 -15.00 0.86
C PHE A 87 1.76 -16.03 1.97
N GLY A 88 2.89 -15.89 2.66
CA GLY A 88 3.29 -16.85 3.69
C GLY A 88 2.31 -16.91 4.86
N GLY A 89 1.86 -15.76 5.32
CA GLY A 89 0.87 -15.66 6.38
C GLY A 89 1.22 -14.65 7.46
N LEU A 90 0.19 -14.16 8.14
CA LEU A 90 0.33 -13.32 9.34
C LEU A 90 0.28 -14.23 10.56
N LYS A 91 1.46 -14.54 11.10
CA LYS A 91 1.57 -15.56 12.13
C LYS A 91 1.09 -15.07 13.48
N LYS A 92 1.40 -13.82 13.83
CA LYS A 92 0.98 -13.24 15.13
C LYS A 92 -0.53 -12.98 15.23
N GLU A 93 -1.12 -13.47 16.32
CA GLU A 93 -2.55 -13.27 16.62
C GLU A 93 -2.92 -11.79 16.59
N LYS A 94 -2.14 -10.96 17.29
CA LYS A 94 -2.41 -9.52 17.40
C LYS A 94 -2.36 -8.79 16.05
N ASP A 95 -1.45 -9.19 15.16
CA ASP A 95 -1.39 -8.61 13.81
C ASP A 95 -2.63 -8.96 12.99
N ARG A 96 -3.05 -10.22 13.03
CA ARG A 96 -4.29 -10.64 12.36
C ARG A 96 -5.52 -9.92 12.91
N ASN A 97 -5.60 -9.82 14.23
CA ASN A 97 -6.68 -9.05 14.86
C ASN A 97 -6.64 -7.58 14.45
N ASP A 98 -5.47 -6.96 14.47
CA ASP A 98 -5.32 -5.55 14.05
C ASP A 98 -5.79 -5.36 12.60
N LEU A 99 -5.29 -6.20 11.70
CA LEU A 99 -5.62 -6.12 10.28
C LEU A 99 -7.11 -6.31 9.96
N ILE A 100 -7.70 -7.35 10.52
CA ILE A 100 -9.12 -7.66 10.30
C ILE A 100 -10.04 -6.56 10.87
N THR A 101 -9.64 -5.95 11.97
CA THR A 101 -10.31 -4.76 12.51
C THR A 101 -10.32 -3.63 11.46
N TYR A 102 -9.17 -3.37 10.84
CA TYR A 102 -9.07 -2.40 9.73
C TYR A 102 -9.94 -2.83 8.55
N LEU A 103 -9.86 -4.12 8.23
CA LEU A 103 -10.50 -4.65 7.03
C LEU A 103 -12.02 -4.60 7.09
N LYS A 104 -12.58 -4.90 8.26
CA LYS A 104 -14.03 -4.74 8.49
C LYS A 104 -14.52 -3.37 8.05
N LYS A 105 -13.84 -2.33 8.56
CA LYS A 105 -14.22 -0.95 8.32
C LYS A 105 -13.86 -0.45 6.91
N ALA A 106 -12.66 -0.82 6.44
CA ALA A 106 -12.17 -0.33 5.15
C ALA A 106 -12.92 -0.88 3.94
N THR A 107 -13.43 -2.11 4.06
CA THR A 107 -14.26 -2.72 3.02
C THR A 107 -15.76 -2.39 3.17
N GLU A 108 -16.06 -1.39 4.03
CA GLU A 108 -17.41 -0.83 4.25
C GLU A 108 -18.39 -1.84 4.83
N ALA B 1 20.08 8.98 -11.79
CA ALA B 1 18.96 9.27 -12.73
C ALA B 1 19.08 10.67 -13.34
N GLU B 2 18.47 10.85 -14.50
CA GLU B 2 18.44 12.13 -15.21
C GLU B 2 16.99 12.52 -15.48
N PHE B 3 16.46 13.43 -14.67
CA PHE B 3 15.08 13.90 -14.80
C PHE B 3 14.89 14.77 -16.04
N LYS B 4 13.93 14.38 -16.87
CA LYS B 4 13.43 15.19 -17.97
C LYS B 4 12.02 15.65 -17.56
N ALA B 5 11.67 16.88 -17.89
CA ALA B 5 10.31 17.39 -17.63
C ALA B 5 9.28 16.63 -18.46
N GLY B 6 8.11 16.38 -17.88
CA GLY B 6 7.05 15.59 -18.52
C GLY B 6 5.68 16.24 -18.41
N SER B 7 4.64 15.42 -18.37
CA SER B 7 3.27 15.88 -18.22
C SER B 7 2.85 15.87 -16.75
N ALA B 8 2.56 17.06 -16.22
CA ALA B 8 2.00 17.19 -14.87
C ALA B 8 0.60 16.56 -14.75
N LYS B 9 -0.15 16.56 -15.85
CA LYS B 9 -1.52 16.02 -15.88
C LYS B 9 -1.51 14.50 -15.66
N LYS B 10 -0.63 13.80 -16.35
CA LYS B 10 -0.43 12.36 -16.16
C LYS B 10 0.21 12.05 -14.81
N GLY B 11 1.14 12.92 -14.39
CA GLY B 11 1.75 12.83 -13.08
C GLY B 11 0.78 12.93 -11.91
N ALA B 12 -0.29 13.71 -12.07
CA ALA B 12 -1.33 13.80 -11.05
C ALA B 12 -2.15 12.51 -10.98
N THR B 13 -2.47 11.93 -12.15
CA THR B 13 -3.17 10.64 -12.22
C THR B 13 -2.29 9.51 -11.67
N LEU B 14 -1.00 9.56 -12.00
CA LEU B 14 -0.03 8.64 -11.40
C LEU B 14 0.02 8.79 -9.88
N PHE B 15 0.08 10.02 -9.40
CA PHE B 15 0.12 10.26 -7.96
C PHE B 15 -1.14 9.72 -7.29
N LYS B 16 -2.30 10.12 -7.82
CA LYS B 16 -3.58 9.76 -7.22
C LYS B 16 -3.87 8.26 -7.24
N THR B 17 -3.36 7.55 -8.26
CA THR B 17 -3.53 6.09 -8.35
C THR B 17 -2.54 5.33 -7.46
N ARG B 18 -1.28 5.78 -7.43
CA ARG B 18 -0.18 5.01 -6.84
C ARG B 18 0.39 5.53 -5.51
N CYS B 19 0.19 6.80 -5.19
CA CYS B 19 0.75 7.44 -3.97
C CYS B 19 -0.26 7.93 -2.93
N LEU B 20 -1.43 8.37 -3.37
CA LEU B 20 -2.41 8.99 -2.50
C LEU B 20 -2.84 8.14 -1.30
N GLN B 21 -2.83 6.81 -1.46
CA GLN B 21 -3.14 5.86 -0.38
C GLN B 21 -2.31 6.08 0.88
N CYS B 22 -1.02 6.42 0.70
CA CYS B 22 -0.10 6.67 1.80
C CYS B 22 0.27 8.16 2.05
N HIS B 23 0.09 9.03 1.06
CA HIS B 23 0.58 10.43 1.12
C HIS B 23 -0.44 11.49 0.73
N THR B 24 -0.22 12.70 1.24
CA THR B 24 -0.86 13.93 0.75
C THR B 24 0.24 14.90 0.35
N VAL B 25 -0.11 15.89 -0.48
CA VAL B 25 0.87 16.88 -1.01
C VAL B 25 0.55 18.34 -0.71
N GLU B 26 -0.72 18.68 -0.55
CA GLU B 26 -1.18 20.01 -0.15
C GLU B 26 -0.46 20.53 1.12
N LYS B 27 -0.31 21.85 1.23
CA LYS B 27 0.29 22.45 2.42
C LYS B 27 -0.63 22.26 3.62
N GLY B 28 -0.10 21.58 4.65
CA GLY B 28 -0.86 21.31 5.85
C GLY B 28 -1.80 20.11 5.76
N GLY B 29 -1.67 19.32 4.68
CA GLY B 29 -2.44 18.09 4.53
C GLY B 29 -1.97 17.07 5.55
N PRO B 30 -2.84 16.14 5.93
CA PRO B 30 -2.52 15.25 7.03
C PRO B 30 -1.42 14.23 6.71
N HIS B 31 -0.68 13.85 7.75
CA HIS B 31 0.15 12.65 7.70
C HIS B 31 -0.79 11.44 7.65
N LYS B 32 -0.45 10.46 6.83
CA LYS B 32 -1.21 9.20 6.75
C LYS B 32 -0.22 8.07 7.10
N VAL B 33 -0.16 7.00 6.29
CA VAL B 33 0.85 5.95 6.50
C VAL B 33 2.23 6.57 6.31
N GLY B 34 2.38 7.33 5.24
CA GLY B 34 3.56 8.17 5.00
C GLY B 34 3.32 9.61 5.38
N PRO B 35 4.39 10.43 5.36
CA PRO B 35 4.24 11.84 5.69
C PRO B 35 3.68 12.66 4.53
N ASN B 36 3.09 13.79 4.87
CA ASN B 36 2.80 14.85 3.90
C ASN B 36 4.08 15.24 3.16
N LEU B 37 3.96 15.52 1.87
CA LEU B 37 5.12 15.76 1.00
C LEU B 37 5.31 17.22 0.59
N HIS B 38 4.60 18.14 1.22
CA HIS B 38 4.76 19.56 0.88
C HIS B 38 6.17 20.04 1.22
N GLY B 39 6.76 20.83 0.33
CA GLY B 39 8.14 21.30 0.48
C GLY B 39 9.20 20.21 0.57
N ILE B 40 8.92 19.04 0.00
CA ILE B 40 9.86 17.91 0.03
C ILE B 40 11.18 18.22 -0.67
N PHE B 41 11.11 18.95 -1.78
CA PHE B 41 12.30 19.34 -2.53
C PHE B 41 13.06 20.44 -1.80
N GLY B 42 14.38 20.28 -1.72
CA GLY B 42 15.23 21.17 -0.95
C GLY B 42 15.11 20.97 0.56
N ARG B 43 14.69 19.76 0.95
CA ARG B 43 14.60 19.39 2.35
C ARG B 43 15.26 18.02 2.50
N HIS B 44 16.00 17.83 3.59
CA HIS B 44 16.59 16.54 3.89
C HIS B 44 15.50 15.53 4.30
N SER B 45 15.73 14.27 4.00
CA SER B 45 14.80 13.21 4.38
C SER B 45 14.72 13.09 5.89
N GLY B 46 13.54 12.73 6.39
CA GLY B 46 13.33 12.49 7.81
C GLY B 46 13.13 13.73 8.66
N GLN B 47 12.77 14.86 8.05
CA GLN B 47 12.70 16.14 8.73
C GLN B 47 11.31 16.80 8.81
N ALA B 48 10.29 16.17 8.22
CA ALA B 48 8.92 16.72 8.30
C ALA B 48 8.37 16.51 9.70
N GLU B 49 7.87 17.58 10.31
CA GLU B 49 7.45 17.55 11.71
C GLU B 49 6.18 16.74 11.91
N GLY B 50 6.10 16.03 13.03
CA GLY B 50 4.92 15.25 13.40
C GLY B 50 4.90 13.80 12.95
N TYR B 51 5.83 13.40 12.07
CA TYR B 51 5.87 12.04 11.54
C TYR B 51 7.07 11.30 12.11
N SER B 52 6.84 10.07 12.59
CA SER B 52 7.94 9.25 13.12
C SER B 52 8.49 8.36 11.99
N TYR B 53 9.65 8.74 11.51
CA TYR B 53 10.37 8.05 10.47
C TYR B 53 11.11 6.86 11.01
N THR B 54 11.58 6.01 10.10
CA THR B 54 12.54 4.98 10.44
C THR B 54 13.90 5.63 10.65
N ASP B 55 14.75 5.01 11.49
CA ASP B 55 16.15 5.41 11.60
C ASP B 55 16.79 5.48 10.20
N ALA B 56 16.51 4.45 9.38
CA ALA B 56 17.03 4.35 8.01
C ALA B 56 16.82 5.63 7.19
N ASN B 57 15.59 6.12 7.19
CA ASN B 57 15.22 7.34 6.45
C ASN B 57 15.93 8.58 7.00
N ILE B 58 16.02 8.68 8.33
CA ILE B 58 16.70 9.81 8.98
C ILE B 58 18.20 9.79 8.65
N LYS B 59 18.84 8.64 8.84
CA LYS B 59 20.29 8.51 8.65
C LYS B 59 20.70 8.66 7.19
N LYS B 60 19.81 8.30 6.27
CA LYS B 60 20.05 8.55 4.84
C LYS B 60 20.33 10.02 4.59
N ASN B 61 19.58 10.89 5.27
CA ASN B 61 19.86 12.32 5.32
C ASN B 61 20.10 12.89 3.92
N VAL B 62 19.15 12.60 3.04
CA VAL B 62 19.28 12.95 1.63
C VAL B 62 18.48 14.22 1.35
N LEU B 63 19.16 15.21 0.78
CA LEU B 63 18.51 16.43 0.31
C LEU B 63 17.79 16.11 -1.02
N TRP B 64 16.46 16.06 -0.95
CA TRP B 64 15.65 15.65 -2.10
C TRP B 64 15.69 16.66 -3.24
N ASP B 65 15.96 16.15 -4.45
CA ASP B 65 15.87 16.91 -5.69
C ASP B 65 15.21 16.00 -6.74
N GLU B 66 15.02 16.54 -7.94
CA GLU B 66 14.42 15.79 -9.05
C GLU B 66 15.07 14.42 -9.30
N ASN B 67 16.39 14.39 -9.27
CA ASN B 67 17.15 13.22 -9.73
C ASN B 67 17.18 12.09 -8.70
N ASN B 68 17.59 12.38 -7.47
CA ASN B 68 17.60 11.34 -6.43
C ASN B 68 16.19 10.84 -6.08
N MET B 69 15.19 11.70 -6.28
CA MET B 69 13.79 11.29 -6.18
C MET B 69 13.45 10.26 -7.25
N SER B 70 13.90 10.48 -8.48
CA SER B 70 13.70 9.51 -9.56
C SER B 70 14.30 8.14 -9.21
N GLU B 71 15.54 8.14 -8.70
CA GLU B 71 16.18 6.90 -8.25
C GLU B 71 15.41 6.22 -7.12
N TYR B 72 14.99 7.02 -6.13
CA TYR B 72 14.23 6.54 -4.99
C TYR B 72 12.93 5.84 -5.41
N LEU B 73 12.15 6.48 -6.27
CA LEU B 73 10.86 5.92 -6.69
C LEU B 73 10.97 4.71 -7.64
N THR B 74 12.13 4.52 -8.26
CA THR B 74 12.39 3.32 -9.07
C THR B 74 12.32 2.05 -8.19
N ASN B 75 12.88 2.13 -6.99
CA ASN B 75 12.95 1.01 -6.06
C ASN B 75 13.36 1.58 -4.70
N PRO B 76 12.37 2.04 -3.89
CA PRO B 76 12.61 2.72 -2.61
C PRO B 76 13.50 1.98 -1.61
N LYS B 77 13.21 0.70 -1.38
CA LYS B 77 13.99 -0.11 -0.43
C LYS B 77 15.45 -0.26 -0.84
N LYS B 78 15.71 -0.26 -2.14
CA LYS B 78 17.08 -0.32 -2.63
C LYS B 78 17.88 0.96 -2.35
N TYR B 79 17.23 2.12 -2.46
CA TYR B 79 17.87 3.40 -2.19
C TYR B 79 18.02 3.64 -0.69
N ILE B 80 16.99 3.27 0.07
CA ILE B 80 16.99 3.42 1.53
C ILE B 80 16.64 2.06 2.14
N PRO B 81 17.66 1.18 2.30
CA PRO B 81 17.42 -0.09 3.00
C PRO B 81 16.92 0.18 4.42
N GLY B 82 15.83 -0.49 4.79
CA GLY B 82 15.23 -0.29 6.11
C GLY B 82 13.96 0.53 6.11
N THR B 83 13.72 1.28 5.06
CA THR B 83 12.51 2.10 4.97
C THR B 83 11.26 1.25 5.08
N LYS B 84 10.28 1.77 5.81
CA LYS B 84 8.98 1.12 5.97
C LYS B 84 7.97 1.58 4.90
N MET B 85 8.44 2.30 3.88
CA MET B 85 7.64 2.57 2.68
C MET B 85 7.54 1.30 1.83
N ALA B 86 6.42 0.58 1.96
CA ALA B 86 6.17 -0.61 1.15
C ALA B 86 5.57 -0.18 -0.18
N PHE B 87 6.44 0.22 -1.10
CA PHE B 87 6.06 0.56 -2.46
C PHE B 87 7.06 -0.11 -3.41
N GLY B 88 6.56 -0.92 -4.35
CA GLY B 88 7.40 -1.68 -5.27
C GLY B 88 8.30 -0.81 -6.13
N GLY B 89 7.72 0.26 -6.68
CA GLY B 89 8.46 1.25 -7.46
C GLY B 89 7.81 1.61 -8.78
N LEU B 90 8.11 2.81 -9.27
CA LEU B 90 7.74 3.26 -10.61
C LEU B 90 8.86 2.91 -11.58
N LYS B 91 8.66 1.83 -12.32
CA LYS B 91 9.74 1.25 -13.13
C LYS B 91 10.01 2.05 -14.39
N LYS B 92 8.95 2.52 -15.06
CA LYS B 92 9.10 3.28 -16.32
C LYS B 92 9.67 4.70 -16.10
N GLU B 93 10.69 5.03 -16.88
CA GLU B 93 11.33 6.35 -16.86
C GLU B 93 10.30 7.46 -17.06
N LYS B 94 9.46 7.33 -18.09
CA LYS B 94 8.44 8.33 -18.43
C LYS B 94 7.42 8.57 -17.32
N ASP B 95 7.02 7.52 -16.61
CA ASP B 95 6.10 7.65 -15.48
C ASP B 95 6.73 8.41 -14.31
N ARG B 96 7.98 8.09 -13.98
CA ARG B 96 8.74 8.83 -12.97
C ARG B 96 8.91 10.29 -13.34
N ASN B 97 9.28 10.56 -14.59
CA ASN B 97 9.37 11.93 -15.08
C ASN B 97 8.03 12.67 -15.01
N ASP B 98 6.95 12.01 -15.46
CA ASP B 98 5.60 12.61 -15.37
C ASP B 98 5.24 12.97 -13.93
N LEU B 99 5.40 12.01 -13.02
CA LEU B 99 5.06 12.18 -11.61
C LEU B 99 5.84 13.30 -10.91
N ILE B 100 7.17 13.28 -11.07
CA ILE B 100 8.06 14.27 -10.47
C ILE B 100 7.78 15.69 -11.00
N THR B 101 7.41 15.80 -12.28
CA THR B 101 6.94 17.07 -12.85
C THR B 101 5.70 17.57 -12.10
N TYR B 102 4.73 16.69 -11.84
CA TYR B 102 3.56 17.02 -11.01
C TYR B 102 3.98 17.38 -9.59
N LEU B 103 4.89 16.60 -9.04
CA LEU B 103 5.28 16.71 -7.64
C LEU B 103 6.01 18.01 -7.34
N LYS B 104 6.89 18.45 -8.25
CA LYS B 104 7.54 19.77 -8.14
C LYS B 104 6.51 20.86 -7.89
N LYS B 105 5.49 20.91 -8.74
CA LYS B 105 4.46 21.94 -8.67
C LYS B 105 3.46 21.75 -7.53
N ALA B 106 3.03 20.51 -7.30
CA ALA B 106 2.01 20.21 -6.28
C ALA B 106 2.48 20.42 -4.86
N THR B 107 3.77 20.21 -4.61
CA THR B 107 4.36 20.48 -3.28
C THR B 107 4.87 21.93 -3.15
N GLU B 108 4.44 22.80 -4.07
CA GLU B 108 4.71 24.25 -4.08
C GLU B 108 6.19 24.60 -4.20
#